data_9IRX
#
_entry.id   9IRX
#
loop_
_entity.id
_entity.type
_entity.pdbx_description
1 polymer 'Solute carrier family 22 member 12'
2 non-polymer [3,5-bis(bromanyl)-4-oxidanyl-phenyl]-(2-ethyl-1-benzofuran-3-yl)methanone
#
_entity_poly.entity_id   1
_entity_poly.type   'polypeptide(L)'
_entity_poly.pdbx_seq_one_letter_code
;MAFSELLDLVGGLGRFQVLQTMALMVSIMWLCTQSMLENFSAAVPSHRCWAPLLDNSTAQASILGSLSPEALLAISIPPG
PNQRPHQCRRFRQPQWQLLDPNATATSWSEADTEPCVDGWVYDRSIFTSTIVAKWNLVCDSHALKPMAQSIYLAGILVGA
AVCGPASDRFGRRLVLTWSYLQMAVSGTAAAFAPTFPVYCLFRFLLAFAVAGVMMNTGTLLMEWTSARARPLVMTLNSLG
FSFGHGLTAAVAYGVRDWTLLQLAVSVPFFLCFLYSWWLAESARWLLTTGRLDRGLQELRRVAAINGKRAVQDTLTPEVL
LSAMREELSVGQAPASLGTLLRTPGLRLRTCISTLCWFAFGFTFFGLALDLQALGSNIFLLQVLIGVVDIPAKMGALLLL
SRLGRRPTLAASLLLAGLCILANTLVPHEMGALRSALAVLGLGGVGAAFTCITIYSSELFPTVLRMTAVGLGQMAARGGA
ILGPLVRLLGVHGPWLPLLVYGTVPVLSGLAALLLPETQSLPLPDTIQDVQNQAVKKATHGTLGNSVLKSTQF
;
_entity_poly.pdbx_strand_id   A
#
loop_
_chem_comp.id
_chem_comp.type
_chem_comp.name
_chem_comp.formula
R75 non-polymer [3,5-bis(bromanyl)-4-oxidanyl-phenyl]-(2-ethyl-1-benzofuran-3-yl)methanone 'C17 H12 Br2 O3'
#
# COMPACT_ATOMS: atom_id res chain seq x y z
N PHE A 3 16.99 16.27 -23.51
CA PHE A 3 17.44 16.47 -22.13
C PHE A 3 18.39 15.35 -21.71
N SER A 4 18.26 14.19 -22.35
CA SER A 4 19.14 13.08 -22.01
C SER A 4 20.60 13.44 -22.21
N GLU A 5 20.89 14.32 -23.17
CA GLU A 5 22.26 14.79 -23.35
C GLU A 5 22.76 15.51 -22.09
N LEU A 6 21.90 16.33 -21.48
CA LEU A 6 22.29 16.99 -20.24
C LEU A 6 22.52 15.97 -19.12
N LEU A 7 21.66 14.94 -19.05
CA LEU A 7 21.87 13.90 -18.05
C LEU A 7 23.22 13.21 -18.23
N ASP A 8 23.57 12.91 -19.48
CA ASP A 8 24.88 12.31 -19.74
C ASP A 8 26.00 13.28 -19.36
N LEU A 9 25.82 14.56 -19.65
CA LEU A 9 26.86 15.55 -19.32
C LEU A 9 27.08 15.62 -17.82
N VAL A 10 26.01 15.68 -17.04
CA VAL A 10 26.15 15.69 -15.59
C VAL A 10 26.60 14.34 -15.07
N GLY A 11 26.17 13.25 -15.72
CA GLY A 11 26.59 11.92 -15.32
C GLY A 11 25.49 10.89 -15.45
N GLY A 12 24.24 11.31 -15.35
CA GLY A 12 23.13 10.41 -15.54
C GLY A 12 22.94 9.45 -14.38
N LEU A 13 23.91 8.54 -14.20
CA LEU A 13 23.90 7.59 -13.11
C LEU A 13 25.24 7.65 -12.40
N GLY A 14 25.22 7.78 -11.08
CA GLY A 14 26.45 7.91 -10.32
C GLY A 14 26.21 8.07 -8.83
N ARG A 15 27.12 8.78 -8.17
CA ARG A 15 27.01 8.93 -6.71
C ARG A 15 25.73 9.64 -6.31
N PHE A 16 25.38 10.72 -7.02
CA PHE A 16 24.17 11.46 -6.68
C PHE A 16 22.93 10.60 -6.85
N GLN A 17 22.85 9.87 -7.96
CA GLN A 17 21.67 9.06 -8.21
C GLN A 17 21.52 7.96 -7.18
N VAL A 18 22.63 7.31 -6.81
CA VAL A 18 22.55 6.23 -5.82
C VAL A 18 22.17 6.80 -4.46
N LEU A 19 22.75 7.94 -4.07
CA LEU A 19 22.38 8.53 -2.78
C LEU A 19 20.91 8.93 -2.76
N GLN A 20 20.43 9.57 -3.82
CA GLN A 20 19.02 9.95 -3.89
C GLN A 20 18.12 8.72 -3.86
N THR A 21 18.49 7.68 -4.59
CA THR A 21 17.69 6.47 -4.61
C THR A 21 17.63 5.84 -3.23
N MET A 22 18.76 5.80 -2.51
CA MET A 22 18.76 5.22 -1.17
C MET A 22 17.89 6.04 -0.22
N ALA A 23 18.01 7.37 -0.26
CA ALA A 23 17.19 8.20 0.61
C ALA A 23 15.70 8.01 0.31
N LEU A 24 15.34 8.04 -0.97
CA LEU A 24 13.94 7.86 -1.33
C LEU A 24 13.46 6.45 -1.02
N MET A 25 14.35 5.46 -1.06
CA MET A 25 13.96 4.10 -0.70
C MET A 25 13.68 3.98 0.79
N VAL A 26 14.48 4.67 1.61
CA VAL A 26 14.17 4.70 3.05
C VAL A 26 12.83 5.38 3.29
N SER A 27 12.60 6.50 2.61
CA SER A 27 11.30 7.18 2.76
C SER A 27 10.16 6.28 2.33
N ILE A 28 10.34 5.52 1.25
CA ILE A 28 9.29 4.62 0.78
C ILE A 28 9.11 3.44 1.71
N MET A 29 10.18 2.97 2.35
CA MET A 29 10.03 1.93 3.37
C MET A 29 9.15 2.43 4.50
N TRP A 30 9.40 3.66 4.97
CA TRP A 30 8.57 4.20 6.04
C TRP A 30 7.15 4.47 5.56
N LEU A 31 6.98 4.84 4.28
CA LEU A 31 5.64 5.01 3.73
C LEU A 31 4.87 3.69 3.69
N CYS A 32 5.56 2.62 3.31
CA CYS A 32 4.94 1.29 3.36
C CYS A 32 4.58 0.91 4.79
N THR A 33 5.44 1.27 5.74
CA THR A 33 5.12 1.03 7.14
C THR A 33 3.85 1.78 7.53
N GLN A 34 3.73 3.04 7.12
CA GLN A 34 2.52 3.80 7.40
C GLN A 34 1.29 3.10 6.83
N SER A 35 1.38 2.64 5.58
CA SER A 35 0.23 2.04 4.92
C SER A 35 -0.17 0.72 5.58
N MET A 36 0.82 -0.15 5.83
CA MET A 36 0.56 -1.50 6.32
C MET A 36 0.48 -1.59 7.84
N LEU A 37 0.69 -0.49 8.55
CA LEU A 37 0.59 -0.51 10.00
C LEU A 37 -0.79 -0.88 10.49
N GLU A 38 -1.82 -0.71 9.65
CA GLU A 38 -3.19 -0.83 10.15
C GLU A 38 -3.52 -2.24 10.60
N ASN A 39 -2.85 -3.26 10.08
CA ASN A 39 -3.13 -4.63 10.52
C ASN A 39 -2.43 -4.97 11.83
N PHE A 40 -1.61 -4.08 12.36
CA PHE A 40 -1.06 -4.21 13.70
C PHE A 40 -1.66 -3.22 14.69
N SER A 41 -1.92 -1.99 14.26
CA SER A 41 -2.57 -0.99 15.10
C SER A 41 -4.09 -1.12 15.09
N ALA A 42 -4.64 -2.01 14.28
CA ALA A 42 -6.08 -2.28 14.25
C ALA A 42 -6.35 -3.76 14.22
N ALA A 43 -5.49 -4.56 14.86
CA ALA A 43 -5.68 -6.00 14.90
C ALA A 43 -6.79 -6.33 15.88
N VAL A 44 -7.85 -6.98 15.40
CA VAL A 44 -8.99 -7.33 16.24
C VAL A 44 -8.53 -8.36 17.27
N PRO A 45 -8.56 -8.05 18.56
CA PRO A 45 -8.21 -9.07 19.56
C PRO A 45 -9.41 -9.95 19.87
N SER A 46 -9.14 -11.02 20.61
CA SER A 46 -10.22 -11.87 21.11
C SER A 46 -11.01 -11.10 22.15
N HIS A 47 -12.31 -10.94 21.91
CA HIS A 47 -13.14 -10.11 22.76
C HIS A 47 -14.39 -10.86 23.20
N ARG A 48 -14.95 -10.45 24.32
CA ARG A 48 -16.18 -11.03 24.82
C ARG A 48 -16.92 -9.99 25.65
N CYS A 49 -18.22 -10.19 25.83
CA CYS A 49 -18.98 -9.26 26.64
C CYS A 49 -18.44 -9.23 28.06
N TRP A 50 -18.48 -8.06 28.67
CA TRP A 50 -18.09 -7.90 30.07
C TRP A 50 -19.14 -8.54 30.95
N ALA A 51 -18.84 -9.71 31.49
CA ALA A 51 -19.78 -10.39 32.36
C ALA A 51 -19.51 -10.07 33.82
N PRO A 52 -20.53 -9.74 34.61
CA PRO A 52 -20.26 -9.34 36.00
C PRO A 52 -19.56 -10.41 36.81
N LEU A 53 -19.90 -11.68 36.59
CA LEU A 53 -19.30 -12.75 37.38
C LEU A 53 -17.83 -12.93 37.04
N LEU A 54 -17.48 -12.83 35.75
CA LEU A 54 -16.08 -12.92 35.35
C LEU A 54 -15.28 -11.72 35.84
N ASP A 55 -15.88 -10.53 35.82
CA ASP A 55 -15.23 -9.29 36.21
C ASP A 55 -16.03 -8.72 37.38
N ASN A 56 -15.63 -9.08 38.59
CA ASN A 56 -16.41 -8.75 39.78
C ASN A 56 -16.64 -7.25 39.88
N SER A 57 -17.86 -6.87 40.23
CA SER A 57 -18.22 -5.47 40.38
C SER A 57 -19.07 -5.26 41.62
N SER A 66 -16.33 -22.13 45.12
CA SER A 66 -15.52 -21.40 44.14
C SER A 66 -15.48 -22.15 42.81
N LEU A 67 -15.59 -21.40 41.71
CA LEU A 67 -15.62 -21.95 40.38
C LEU A 67 -14.34 -21.60 39.63
N SER A 68 -13.88 -22.52 38.79
CA SER A 68 -12.72 -22.26 37.96
C SER A 68 -13.07 -21.23 36.90
N PRO A 69 -12.08 -20.50 36.37
CA PRO A 69 -12.40 -19.50 35.35
C PRO A 69 -13.08 -20.08 34.12
N GLU A 70 -12.74 -21.31 33.75
CA GLU A 70 -13.41 -21.94 32.61
C GLU A 70 -14.90 -22.10 32.88
N ALA A 71 -15.26 -22.56 34.09
CA ALA A 71 -16.66 -22.73 34.42
C ALA A 71 -17.40 -21.40 34.42
N LEU A 72 -16.79 -20.36 34.96
CA LEU A 72 -17.41 -19.04 34.95
C LEU A 72 -17.63 -18.55 33.53
N LEU A 73 -16.62 -18.69 32.68
CA LEU A 73 -16.77 -18.26 31.30
C LEU A 73 -17.80 -19.10 30.56
N ALA A 74 -18.01 -20.34 30.99
CA ALA A 74 -19.02 -21.18 30.35
C ALA A 74 -20.43 -20.78 30.78
N ILE A 75 -20.59 -20.39 32.05
CA ILE A 75 -21.91 -20.05 32.57
C ILE A 75 -22.23 -18.56 32.41
N SER A 76 -21.31 -17.76 31.88
CA SER A 76 -21.54 -16.33 31.69
C SER A 76 -21.70 -15.93 30.23
N ILE A 77 -20.92 -16.50 29.33
CA ILE A 77 -20.93 -16.14 27.91
C ILE A 77 -21.49 -17.32 27.13
N PRO A 78 -22.51 -17.15 26.30
CA PRO A 78 -23.07 -18.28 25.56
C PRO A 78 -22.09 -18.76 24.51
N PRO A 79 -22.18 -20.02 24.10
CA PRO A 79 -21.29 -20.52 23.06
C PRO A 79 -21.59 -19.85 21.72
N GLY A 80 -20.54 -19.70 20.92
CA GLY A 80 -20.66 -19.05 19.63
C GLY A 80 -19.93 -19.82 18.54
N PRO A 81 -20.06 -19.35 17.29
CA PRO A 81 -19.44 -19.99 16.13
C PRO A 81 -17.96 -20.28 16.33
N PRO A 85 -16.63 -19.34 22.20
CA PRO A 85 -17.44 -18.43 23.02
C PRO A 85 -17.97 -17.24 22.22
N HIS A 86 -19.26 -16.93 22.37
CA HIS A 86 -19.84 -15.82 21.64
C HIS A 86 -19.11 -14.53 22.02
N GLN A 87 -18.74 -13.75 21.01
CA GLN A 87 -17.92 -12.56 21.23
C GLN A 87 -18.73 -11.30 21.48
N CYS A 88 -20.05 -11.33 21.30
CA CYS A 88 -20.85 -10.13 21.52
C CYS A 88 -22.20 -10.44 22.15
N ARG A 89 -22.26 -11.47 22.99
CA ARG A 89 -23.48 -11.79 23.71
C ARG A 89 -23.10 -12.33 25.08
N ARG A 90 -24.01 -12.19 26.03
CA ARG A 90 -23.81 -12.68 27.38
C ARG A 90 -25.15 -13.09 27.96
N PHE A 91 -25.12 -14.05 28.89
CA PHE A 91 -26.34 -14.48 29.55
C PHE A 91 -26.84 -13.40 30.49
N ARG A 92 -28.16 -13.21 30.53
CA ARG A 92 -28.74 -12.23 31.45
C ARG A 92 -28.41 -12.57 32.89
N GLN A 93 -28.49 -13.85 33.25
CA GLN A 93 -28.13 -14.33 34.56
C GLN A 93 -27.25 -15.56 34.42
N PRO A 94 -26.38 -15.83 35.40
CA PRO A 94 -25.48 -16.98 35.28
C PRO A 94 -26.26 -18.28 35.15
N GLN A 95 -25.73 -19.18 34.34
CA GLN A 95 -26.39 -20.46 34.08
C GLN A 95 -25.91 -21.53 35.06
N ASP A 112 -32.40 -15.65 26.67
CA ASP A 112 -31.90 -15.04 27.90
C ASP A 112 -30.64 -14.23 27.64
N THR A 113 -29.96 -14.53 26.53
CA THR A 113 -28.75 -13.82 26.18
C THR A 113 -29.06 -12.35 25.88
N GLU A 114 -28.13 -11.48 26.26
CA GLU A 114 -28.23 -10.05 26.04
C GLU A 114 -26.94 -9.55 25.41
N PRO A 115 -26.99 -8.44 24.68
CA PRO A 115 -25.76 -7.90 24.09
C PRO A 115 -24.78 -7.42 25.16
N CYS A 116 -23.62 -6.95 24.74
CA CYS A 116 -22.60 -6.49 25.69
C CYS A 116 -23.06 -5.16 26.28
N VAL A 117 -23.90 -5.25 27.30
CA VAL A 117 -24.42 -4.05 27.95
C VAL A 117 -23.30 -3.28 28.61
N ASP A 118 -22.41 -3.97 29.31
CA ASP A 118 -21.35 -3.34 30.10
C ASP A 118 -20.06 -3.14 29.31
N GLY A 119 -20.04 -3.49 28.04
CA GLY A 119 -18.85 -3.33 27.22
C GLY A 119 -18.19 -4.65 26.91
N TRP A 120 -16.95 -4.55 26.43
CA TRP A 120 -16.17 -5.70 26.00
C TRP A 120 -14.89 -5.82 26.80
N VAL A 121 -14.42 -7.06 26.93
CA VAL A 121 -13.10 -7.38 27.46
C VAL A 121 -12.31 -8.02 26.33
N TYR A 122 -11.12 -7.48 26.08
CA TYR A 122 -10.28 -7.89 24.96
C TYR A 122 -9.07 -8.67 25.45
N ASP A 123 -8.54 -9.50 24.56
CA ASP A 123 -7.33 -10.28 24.84
C ASP A 123 -6.11 -9.45 24.49
N ARG A 124 -5.32 -9.11 25.49
CA ARG A 124 -4.15 -8.25 25.33
C ARG A 124 -2.85 -9.01 25.41
N SER A 125 -2.88 -10.33 25.18
CA SER A 125 -1.66 -11.12 25.21
C SER A 125 -0.71 -10.70 24.09
N ILE A 126 -1.25 -10.43 22.91
CA ILE A 126 -0.42 -10.09 21.75
C ILE A 126 -0.23 -8.58 21.68
N PHE A 127 -1.33 -7.84 21.54
CA PHE A 127 -1.30 -6.39 21.38
C PHE A 127 -1.84 -5.75 22.65
N THR A 128 -1.04 -4.88 23.27
CA THR A 128 -1.48 -4.24 24.50
C THR A 128 -2.63 -3.27 24.26
N SER A 129 -2.67 -2.65 23.08
CA SER A 129 -3.74 -1.72 22.76
C SER A 129 -3.99 -1.75 21.26
N THR A 130 -5.19 -1.32 20.87
CA THR A 130 -5.59 -1.33 19.47
C THR A 130 -6.74 -0.35 19.29
N ILE A 131 -6.94 0.10 18.06
CA ILE A 131 -8.06 0.98 17.79
C ILE A 131 -9.38 0.22 17.91
N VAL A 132 -9.39 -1.05 17.50
CA VAL A 132 -10.56 -1.89 17.70
C VAL A 132 -10.88 -2.02 19.19
N ALA A 133 -9.85 -2.26 20.00
CA ALA A 133 -10.06 -2.36 21.44
C ALA A 133 -10.37 -1.02 22.07
N LYS A 134 -9.98 0.08 21.41
CA LYS A 134 -10.17 1.39 22.01
C LYS A 134 -11.59 1.91 21.75
N TRP A 135 -12.04 1.85 20.50
CA TRP A 135 -13.35 2.38 20.13
C TRP A 135 -14.38 1.27 19.91
N ASN A 136 -14.09 0.05 20.34
CA ASN A 136 -15.07 -1.04 20.32
C ASN A 136 -15.64 -1.23 18.92
N LEU A 137 -14.75 -1.29 17.93
CA LEU A 137 -15.15 -1.54 16.55
C LEU A 137 -15.38 -3.02 16.32
N VAL A 138 -16.31 -3.58 17.09
CA VAL A 138 -16.57 -5.02 17.12
C VAL A 138 -18.05 -5.26 16.92
N CYS A 139 -18.39 -6.21 16.05
CA CYS A 139 -19.76 -6.66 15.86
C CYS A 139 -20.67 -5.56 15.31
N ASP A 140 -21.44 -4.92 16.18
CA ASP A 140 -22.41 -3.93 15.71
C ASP A 140 -21.73 -2.85 14.88
N SER A 141 -20.46 -2.56 15.17
CA SER A 141 -19.69 -1.57 14.43
C SER A 141 -18.44 -2.18 13.80
N HIS A 142 -18.45 -3.49 13.55
CA HIS A 142 -17.27 -4.13 12.96
C HIS A 142 -16.91 -3.48 11.63
N ALA A 143 -17.91 -3.05 10.87
CA ALA A 143 -17.67 -2.45 9.57
C ALA A 143 -16.79 -1.22 9.67
N LEU A 144 -16.75 -0.57 10.84
CA LEU A 144 -15.91 0.61 10.99
C LEU A 144 -14.44 0.29 10.87
N LYS A 145 -14.04 -0.97 11.04
CA LYS A 145 -12.63 -1.32 10.96
C LYS A 145 -12.16 -1.31 9.51
N PRO A 146 -12.76 -2.10 8.62
CA PRO A 146 -12.41 -1.95 7.19
C PRO A 146 -12.74 -0.58 6.64
N MET A 147 -13.87 -0.01 7.05
CA MET A 147 -14.28 1.29 6.54
C MET A 147 -13.18 2.32 6.76
N ALA A 148 -12.65 2.40 7.97
CA ALA A 148 -11.53 3.30 8.23
C ALA A 148 -10.41 3.09 7.22
N GLN A 149 -10.04 1.83 7.01
CA GLN A 149 -8.99 1.53 6.04
C GLN A 149 -9.36 2.12 4.68
N SER A 150 -10.59 1.90 4.25
CA SER A 150 -11.02 2.45 2.96
C SER A 150 -10.83 3.96 2.94
N ILE A 151 -11.21 4.63 4.02
CA ILE A 151 -11.01 6.09 4.09
C ILE A 151 -9.55 6.41 3.83
N TYR A 152 -8.64 5.70 4.49
CA TYR A 152 -7.23 5.90 4.20
C TYR A 152 -6.95 5.71 2.73
N LEU A 153 -7.38 4.59 2.17
CA LEU A 153 -7.16 4.33 0.75
C LEU A 153 -7.94 5.30 -0.12
N ALA A 154 -8.98 5.94 0.42
CA ALA A 154 -9.62 7.01 -0.33
C ALA A 154 -8.72 8.23 -0.43
N GLY A 155 -8.08 8.59 0.68
CA GLY A 155 -7.24 9.77 0.69
C GLY A 155 -6.17 9.70 -0.39
N ILE A 156 -5.53 8.55 -0.54
CA ILE A 156 -4.52 8.41 -1.58
C ILE A 156 -5.12 8.77 -2.94
N LEU A 157 -6.28 8.21 -3.26
CA LEU A 157 -6.92 8.52 -4.54
C LEU A 157 -7.19 10.01 -4.65
N VAL A 158 -7.58 10.64 -3.54
CA VAL A 158 -7.73 12.10 -3.56
C VAL A 158 -6.36 12.76 -3.66
N GLY A 159 -5.39 12.28 -2.89
CA GLY A 159 -4.09 12.91 -2.89
C GLY A 159 -3.47 12.91 -4.27
N ALA A 160 -3.46 11.74 -4.92
CA ALA A 160 -2.95 11.66 -6.27
C ALA A 160 -3.69 12.63 -7.20
N ALA A 161 -4.98 12.83 -6.97
CA ALA A 161 -5.73 13.77 -7.78
C ALA A 161 -5.25 15.20 -7.55
N VAL A 162 -4.94 15.55 -6.30
CA VAL A 162 -4.57 16.91 -5.97
C VAL A 162 -3.07 17.14 -6.05
N CYS A 163 -2.28 16.21 -5.52
CA CYS A 163 -0.82 16.33 -5.57
C CYS A 163 -0.27 16.11 -6.97
N GLY A 164 -1.08 15.64 -7.91
CA GLY A 164 -0.63 15.44 -9.26
C GLY A 164 -0.36 16.76 -9.96
N PRO A 165 -1.40 17.56 -10.17
CA PRO A 165 -1.18 18.90 -10.76
C PRO A 165 -0.28 19.78 -9.94
N ALA A 166 -0.33 19.68 -8.61
CA ALA A 166 0.53 20.52 -7.77
C ALA A 166 1.99 20.29 -8.09
N SER A 167 2.41 19.03 -8.20
CA SER A 167 3.78 18.73 -8.58
C SER A 167 4.10 19.30 -9.96
N ASP A 168 3.11 19.34 -10.84
CA ASP A 168 3.31 19.94 -12.16
C ASP A 168 3.20 21.45 -12.14
N ARG A 169 2.67 22.03 -11.06
CA ARG A 169 2.60 23.48 -10.91
C ARG A 169 3.67 24.00 -9.96
N PHE A 170 3.77 23.42 -8.77
CA PHE A 170 4.86 23.68 -7.84
C PHE A 170 5.90 22.59 -7.98
N GLY A 171 7.11 22.88 -7.52
CA GLY A 171 8.21 21.94 -7.63
C GLY A 171 7.82 20.54 -7.20
N ARG A 172 8.46 19.52 -7.77
CA ARG A 172 8.20 18.15 -7.34
C ARG A 172 8.86 17.88 -5.99
N ARG A 173 10.08 18.38 -5.79
CA ARG A 173 10.72 18.26 -4.48
C ARG A 173 9.98 19.06 -3.43
N LEU A 174 9.39 20.20 -3.82
CA LEU A 174 8.61 20.99 -2.88
C LEU A 174 7.38 20.23 -2.40
N VAL A 175 6.64 19.63 -3.34
CA VAL A 175 5.49 18.83 -2.96
C VAL A 175 5.93 17.62 -2.14
N LEU A 176 7.08 17.05 -2.47
CA LEU A 176 7.60 15.93 -1.68
C LEU A 176 7.87 16.36 -0.24
N THR A 177 8.51 17.51 -0.05
CA THR A 177 8.81 17.99 1.29
C THR A 177 7.54 18.26 2.08
N TRP A 178 6.57 18.93 1.46
CA TRP A 178 5.33 19.20 2.17
C TRP A 178 4.55 17.92 2.44
N SER A 179 4.64 16.94 1.55
CA SER A 179 4.01 15.65 1.79
C SER A 179 4.65 14.95 2.98
N TYR A 180 5.97 15.01 3.09
CA TYR A 180 6.63 14.44 4.26
C TYR A 180 6.15 15.11 5.54
N LEU A 181 6.10 16.44 5.53
CA LEU A 181 5.65 17.17 6.73
C LEU A 181 4.22 16.78 7.09
N GLN A 182 3.34 16.74 6.10
CA GLN A 182 1.94 16.40 6.35
C GLN A 182 1.82 14.96 6.85
N MET A 183 2.59 14.04 6.29
CA MET A 183 2.58 12.67 6.77
C MET A 183 2.96 12.61 8.23
N ALA A 184 4.04 13.29 8.60
CA ALA A 184 4.47 13.26 10.01
C ALA A 184 3.40 13.83 10.92
N VAL A 185 2.87 15.01 10.57
CA VAL A 185 1.91 15.68 11.44
C VAL A 185 0.64 14.85 11.57
N SER A 186 0.12 14.34 10.44
CA SER A 186 -1.11 13.57 10.47
C SER A 186 -0.92 12.23 11.17
N GLY A 187 0.25 11.61 11.01
CA GLY A 187 0.51 10.39 11.74
C GLY A 187 0.53 10.61 13.24
N THR A 188 1.18 11.69 13.69
CA THR A 188 1.16 11.99 15.12
C THR A 188 -0.26 12.27 15.61
N ALA A 189 -1.03 13.05 14.84
CA ALA A 189 -2.39 13.37 15.26
C ALA A 189 -3.25 12.13 15.33
N ALA A 190 -3.12 11.21 14.38
CA ALA A 190 -3.85 9.96 14.43
C ALA A 190 -3.40 9.10 15.60
N ALA A 191 -2.10 9.11 15.89
CA ALA A 191 -1.61 8.38 17.06
C ALA A 191 -2.22 8.92 18.35
N PHE A 192 -2.57 10.21 18.37
CA PHE A 192 -3.21 10.82 19.52
C PHE A 192 -4.66 11.19 19.24
N ALA A 193 -5.36 10.38 18.46
CA ALA A 193 -6.75 10.65 18.13
C ALA A 193 -7.66 10.30 19.32
N PRO A 194 -8.49 11.22 19.80
CA PRO A 194 -9.34 10.91 20.96
C PRO A 194 -10.57 10.08 20.60
N THR A 195 -11.14 10.31 19.43
CA THR A 195 -12.35 9.62 18.99
C THR A 195 -12.12 9.02 17.61
N PHE A 196 -13.00 8.09 17.24
CA PHE A 196 -12.83 7.40 15.97
C PHE A 196 -12.92 8.33 14.77
N PRO A 197 -13.90 9.24 14.67
CA PRO A 197 -13.93 10.12 13.49
C PRO A 197 -12.67 10.95 13.33
N VAL A 198 -12.08 11.40 14.43
CA VAL A 198 -10.83 12.16 14.34
C VAL A 198 -9.72 11.28 13.79
N TYR A 199 -9.65 10.03 14.25
CA TYR A 199 -8.65 9.10 13.73
C TYR A 199 -8.83 8.88 12.24
N CYS A 200 -10.09 8.68 11.80
CA CYS A 200 -10.34 8.48 10.38
C CYS A 200 -9.96 9.71 9.57
N LEU A 201 -10.29 10.90 10.06
CA LEU A 201 -9.94 12.12 9.34
C LEU A 201 -8.44 12.28 9.20
N PHE A 202 -7.69 12.03 10.28
CA PHE A 202 -6.25 12.23 10.20
C PHE A 202 -5.56 11.11 9.44
N ARG A 203 -6.12 9.91 9.42
CA ARG A 203 -5.60 8.88 8.51
C ARG A 203 -5.90 9.25 7.06
N PHE A 204 -7.03 9.89 6.80
CA PHE A 204 -7.30 10.40 5.45
C PHE A 204 -6.27 11.44 5.03
N LEU A 205 -5.94 12.37 5.94
CA LEU A 205 -4.92 13.37 5.63
C LEU A 205 -3.55 12.72 5.43
N LEU A 206 -3.22 11.73 6.27
CA LEU A 206 -1.97 11.00 6.11
C LEU A 206 -1.89 10.34 4.74
N ALA A 207 -2.98 9.71 4.30
CA ALA A 207 -3.01 9.10 2.96
C ALA A 207 -2.88 10.16 1.88
N PHE A 208 -3.56 11.29 2.05
CA PHE A 208 -3.41 12.39 1.11
C PHE A 208 -1.94 12.75 0.94
N ALA A 209 -1.19 12.74 2.04
CA ALA A 209 0.22 13.08 1.97
C ALA A 209 1.05 11.94 1.39
N VAL A 210 0.72 10.69 1.70
CA VAL A 210 1.50 9.58 1.16
C VAL A 210 1.35 9.51 -0.34
N ALA A 211 0.18 9.89 -0.87
CA ALA A 211 0.02 9.92 -2.33
C ALA A 211 1.03 10.86 -2.96
N GLY A 212 1.18 12.06 -2.40
CA GLY A 212 2.17 12.99 -2.90
C GLY A 212 3.59 12.46 -2.75
N VAL A 213 3.88 11.85 -1.61
CA VAL A 213 5.22 11.29 -1.40
C VAL A 213 5.52 10.26 -2.48
N MET A 214 4.58 9.33 -2.72
CA MET A 214 4.79 8.30 -3.73
C MET A 214 4.99 8.90 -5.11
N MET A 215 4.08 9.78 -5.52
CA MET A 215 4.15 10.33 -6.87
C MET A 215 5.45 11.10 -7.08
N ASN A 216 5.83 11.93 -6.12
CA ASN A 216 7.02 12.74 -6.29
C ASN A 216 8.30 11.92 -6.17
N THR A 217 8.31 10.88 -5.34
CA THR A 217 9.45 9.97 -5.32
C THR A 217 9.63 9.31 -6.68
N GLY A 218 8.54 8.80 -7.24
CA GLY A 218 8.63 8.18 -8.55
C GLY A 218 9.11 9.16 -9.61
N THR A 219 8.51 10.34 -9.66
CA THR A 219 8.87 11.31 -10.69
C THR A 219 10.32 11.76 -10.53
N LEU A 220 10.76 11.99 -9.29
CA LEU A 220 12.14 12.40 -9.06
C LEU A 220 13.12 11.30 -9.47
N LEU A 221 12.79 10.04 -9.18
CA LEU A 221 13.66 8.96 -9.61
C LEU A 221 13.74 8.87 -11.13
N MET A 222 12.59 8.99 -11.82
CA MET A 222 12.59 8.87 -13.27
C MET A 222 13.31 10.04 -13.93
N GLU A 223 13.20 11.23 -13.36
CA GLU A 223 13.66 12.46 -14.01
C GLU A 223 15.12 12.79 -13.72
N TRP A 224 15.83 11.93 -12.99
CA TRP A 224 17.25 12.15 -12.72
C TRP A 224 18.12 10.98 -13.16
N THR A 225 17.55 9.90 -13.67
CA THR A 225 18.31 8.74 -14.11
C THR A 225 18.13 8.56 -15.62
N SER A 226 19.17 8.04 -16.25
CA SER A 226 19.16 7.87 -17.69
C SER A 226 18.02 6.94 -18.11
N ALA A 227 17.52 7.15 -19.33
CA ALA A 227 16.35 6.40 -19.79
C ALA A 227 16.61 4.90 -19.76
N ARG A 228 17.88 4.48 -19.86
CA ARG A 228 18.18 3.06 -19.87
C ARG A 228 17.85 2.41 -18.53
N ALA A 229 18.03 3.15 -17.42
CA ALA A 229 17.90 2.60 -16.08
C ALA A 229 16.50 2.77 -15.50
N ARG A 230 15.53 3.25 -16.27
CA ARG A 230 14.19 3.45 -15.72
C ARG A 230 13.59 2.17 -15.14
N PRO A 231 13.62 1.03 -15.82
CA PRO A 231 13.12 -0.20 -15.17
C PRO A 231 13.88 -0.54 -13.91
N LEU A 232 15.19 -0.29 -13.88
CA LEU A 232 15.96 -0.57 -12.67
C LEU A 232 15.49 0.29 -11.50
N VAL A 233 15.27 1.59 -11.73
CA VAL A 233 14.82 2.46 -10.65
C VAL A 233 13.40 2.11 -10.23
N MET A 234 12.54 1.73 -11.17
CA MET A 234 11.20 1.28 -10.79
C MET A 234 11.27 0.04 -9.92
N THR A 235 12.13 -0.91 -10.28
CA THR A 235 12.27 -2.12 -9.48
C THR A 235 12.82 -1.80 -8.09
N LEU A 236 13.78 -0.88 -8.00
CA LEU A 236 14.29 -0.48 -6.70
C LEU A 236 13.20 0.20 -5.86
N ASN A 237 12.36 1.01 -6.50
CA ASN A 237 11.25 1.62 -5.79
C ASN A 237 10.32 0.55 -5.24
N SER A 238 10.02 -0.47 -6.04
CA SER A 238 9.17 -1.57 -5.55
C SER A 238 9.85 -2.32 -4.40
N LEU A 239 11.15 -2.57 -4.52
CA LEU A 239 11.88 -3.17 -3.41
C LEU A 239 11.82 -2.30 -2.17
N GLY A 240 11.64 -1.00 -2.34
CA GLY A 240 11.43 -0.14 -1.17
C GLY A 240 10.24 -0.59 -0.35
N PHE A 241 9.10 -0.85 -1.01
CA PHE A 241 7.93 -1.35 -0.30
C PHE A 241 8.16 -2.78 0.19
N SER A 242 8.87 -3.59 -0.60
CA SER A 242 9.17 -4.94 -0.14
C SER A 242 9.91 -4.92 1.19
N PHE A 243 10.92 -4.05 1.32
CA PHE A 243 11.63 -3.89 2.58
C PHE A 243 10.74 -3.24 3.64
N GLY A 244 9.84 -2.35 3.23
CA GLY A 244 8.92 -1.74 4.17
C GLY A 244 8.03 -2.75 4.85
N HIS A 245 7.71 -3.85 4.18
CA HIS A 245 6.96 -4.92 4.82
C HIS A 245 7.70 -5.45 6.05
N GLY A 246 8.96 -5.83 5.87
CA GLY A 246 9.74 -6.32 6.99
C GLY A 246 9.96 -5.25 8.04
N LEU A 247 10.13 -4.00 7.61
CA LEU A 247 10.27 -2.91 8.57
C LEU A 247 9.02 -2.78 9.44
N THR A 248 7.84 -2.87 8.81
CA THR A 248 6.60 -2.83 9.56
C THR A 248 6.53 -3.98 10.55
N ALA A 249 6.89 -5.19 10.11
CA ALA A 249 6.85 -6.33 11.02
C ALA A 249 7.78 -6.11 12.21
N ALA A 250 8.99 -5.62 11.96
CA ALA A 250 9.94 -5.41 13.05
C ALA A 250 9.46 -4.34 14.02
N VAL A 251 8.96 -3.22 13.50
CA VAL A 251 8.51 -2.15 14.38
C VAL A 251 7.29 -2.59 15.18
N ALA A 252 6.36 -3.30 14.54
CA ALA A 252 5.19 -3.80 15.26
C ALA A 252 5.60 -4.79 16.35
N TYR A 253 6.58 -5.66 16.05
CA TYR A 253 7.09 -6.56 17.07
C TYR A 253 7.67 -5.78 18.23
N GLY A 254 8.40 -4.70 17.95
CA GLY A 254 8.94 -3.90 19.01
C GLY A 254 7.88 -3.17 19.83
N VAL A 255 6.88 -2.60 19.15
CA VAL A 255 5.89 -1.74 19.78
C VAL A 255 4.53 -2.40 19.62
N ARG A 256 3.90 -2.73 20.74
CA ARG A 256 2.60 -3.41 20.75
C ARG A 256 1.45 -2.48 21.07
N ASP A 257 1.69 -1.18 21.21
CA ASP A 257 0.65 -0.20 21.49
C ASP A 257 0.34 0.58 20.23
N TRP A 258 -0.94 0.69 19.89
CA TRP A 258 -1.32 1.33 18.63
C TRP A 258 -0.89 2.79 18.61
N THR A 259 -1.05 3.50 19.73
CA THR A 259 -0.62 4.89 19.79
C THR A 259 0.89 5.01 19.58
N LEU A 260 1.67 4.26 20.35
CA LEU A 260 3.11 4.31 20.21
C LEU A 260 3.57 3.75 18.88
N LEU A 261 2.88 2.73 18.37
CA LEU A 261 3.23 2.19 17.05
C LEU A 261 3.08 3.25 15.97
N GLN A 262 1.91 3.91 15.93
CA GLN A 262 1.67 4.95 14.95
C GLN A 262 2.65 6.10 15.12
N LEU A 263 2.91 6.50 16.37
CA LEU A 263 3.83 7.60 16.62
C LEU A 263 5.23 7.26 16.11
N ALA A 264 5.70 6.06 16.41
CA ALA A 264 7.03 5.65 15.98
C ALA A 264 7.12 5.56 14.47
N VAL A 265 6.06 5.07 13.82
CA VAL A 265 6.07 4.97 12.37
C VAL A 265 6.07 6.35 11.72
N SER A 266 5.35 7.31 12.30
CA SER A 266 5.24 8.63 11.68
C SER A 266 6.34 9.60 12.11
N VAL A 267 7.10 9.29 13.15
CA VAL A 267 8.18 10.19 13.57
C VAL A 267 9.26 10.35 12.50
N PRO A 268 9.75 9.28 11.85
CA PRO A 268 10.86 9.47 10.89
C PRO A 268 10.52 10.39 9.74
N PHE A 269 9.24 10.69 9.50
CA PHE A 269 8.91 11.59 8.41
C PHE A 269 9.23 13.03 8.75
N PHE A 270 9.39 13.38 10.03
CA PHE A 270 9.97 14.67 10.36
C PHE A 270 11.39 14.77 9.84
N LEU A 271 12.20 13.73 10.03
CA LEU A 271 13.54 13.71 9.49
C LEU A 271 13.52 13.68 7.96
N CYS A 272 12.57 12.96 7.38
CA CYS A 272 12.42 12.94 5.93
C CYS A 272 12.17 14.35 5.40
N PHE A 273 11.26 15.08 6.04
CA PHE A 273 11.00 16.45 5.66
C PHE A 273 12.25 17.31 5.83
N LEU A 274 12.98 17.10 6.92
CA LEU A 274 14.16 17.93 7.17
C LEU A 274 15.22 17.72 6.11
N TYR A 275 15.46 16.48 5.70
CA TYR A 275 16.55 16.21 4.75
C TYR A 275 16.09 16.24 3.31
N SER A 276 14.79 16.36 3.03
CA SER A 276 14.35 16.45 1.65
C SER A 276 14.86 17.71 0.97
N TRP A 277 15.25 18.73 1.73
CA TRP A 277 15.79 19.94 1.14
C TRP A 277 17.12 19.71 0.44
N TRP A 278 17.83 18.63 0.79
CA TRP A 278 19.07 18.30 0.11
C TRP A 278 18.81 17.54 -1.19
N LEU A 279 17.63 16.98 -1.38
CA LEU A 279 17.28 16.38 -2.66
C LEU A 279 17.30 17.45 -3.75
N ALA A 280 17.82 17.07 -4.91
CA ALA A 280 17.87 18.00 -6.03
C ALA A 280 16.53 18.01 -6.74
N GLU A 281 15.96 19.21 -6.88
CA GLU A 281 14.71 19.34 -7.63
C GLU A 281 14.92 18.89 -9.07
N SER A 282 13.86 18.37 -9.68
CA SER A 282 13.95 17.89 -11.04
C SER A 282 14.43 19.00 -11.96
N ALA A 283 15.56 18.77 -12.64
CA ALA A 283 16.03 19.73 -13.61
C ALA A 283 15.14 19.76 -14.85
N ARG A 284 14.55 18.62 -15.22
CA ARG A 284 13.65 18.60 -16.36
C ARG A 284 12.46 19.52 -16.12
N TRP A 285 11.87 19.46 -14.92
CA TRP A 285 10.73 20.31 -14.63
C TRP A 285 11.12 21.79 -14.65
N LEU A 286 12.28 22.13 -14.08
CA LEU A 286 12.71 23.53 -14.06
C LEU A 286 12.95 24.04 -15.47
N LEU A 287 13.59 23.23 -16.32
CA LEU A 287 13.87 23.68 -17.68
C LEU A 287 12.59 23.79 -18.50
N THR A 288 11.68 22.83 -18.34
CA THR A 288 10.45 22.86 -19.13
C THR A 288 9.56 24.03 -18.73
N THR A 289 9.42 24.29 -17.44
CA THR A 289 8.55 25.36 -16.97
C THR A 289 9.16 26.75 -17.16
N GLY A 290 10.45 26.84 -17.50
CA GLY A 290 11.08 28.11 -17.78
C GLY A 290 12.05 28.59 -16.73
N ARG A 291 12.33 27.80 -15.70
CA ARG A 291 13.29 28.19 -14.67
C ARG A 291 14.71 27.82 -15.12
N LEU A 292 15.14 28.47 -16.20
CA LEU A 292 16.41 28.13 -16.82
C LEU A 292 17.57 28.35 -15.86
N ASP A 293 17.59 29.48 -15.16
CA ASP A 293 18.69 29.74 -14.25
C ASP A 293 18.68 28.79 -13.06
N ARG A 294 17.50 28.61 -12.44
CA ARG A 294 17.41 27.70 -11.30
C ARG A 294 17.70 26.27 -11.71
N GLY A 295 17.20 25.84 -12.87
CA GLY A 295 17.50 24.51 -13.36
C GLY A 295 18.98 24.33 -13.68
N LEU A 296 19.61 25.38 -14.22
CA LEU A 296 21.04 25.34 -14.47
C LEU A 296 21.81 25.14 -13.18
N GLN A 297 21.45 25.90 -12.14
CA GLN A 297 22.11 25.72 -10.84
C GLN A 297 21.88 24.32 -10.30
N GLU A 298 20.65 23.82 -10.43
CA GLU A 298 20.33 22.50 -9.92
C GLU A 298 21.17 21.42 -10.60
N LEU A 299 21.26 21.48 -11.93
CA LEU A 299 21.98 20.43 -12.64
C LEU A 299 23.48 20.57 -12.47
N ARG A 300 24.00 21.79 -12.31
CA ARG A 300 25.41 21.92 -11.96
C ARG A 300 25.68 21.32 -10.59
N ARG A 301 24.79 21.55 -9.63
CA ARG A 301 24.96 20.95 -8.31
C ARG A 301 24.94 19.43 -8.40
N VAL A 302 24.03 18.87 -9.18
CA VAL A 302 23.96 17.42 -9.34
C VAL A 302 25.23 16.90 -9.99
N ALA A 303 25.73 17.58 -11.01
CA ALA A 303 26.96 17.15 -11.67
C ALA A 303 28.14 17.19 -10.72
N ALA A 304 28.18 18.19 -9.85
CA ALA A 304 29.29 18.30 -8.90
C ALA A 304 29.37 17.07 -8.01
N ILE A 305 28.22 16.60 -7.53
CA ILE A 305 28.18 15.40 -6.69
C ILE A 305 27.71 14.21 -7.53
N LEU A 315 28.97 23.95 -20.07
CA LEU A 315 27.66 23.88 -19.43
C LEU A 315 27.13 25.28 -19.13
N THR A 316 27.24 26.16 -20.13
CA THR A 316 26.73 27.52 -20.00
C THR A 316 25.22 27.54 -20.14
N PRO A 317 24.56 28.62 -19.69
CA PRO A 317 23.11 28.71 -19.86
C PRO A 317 22.67 28.60 -21.31
N GLU A 318 23.49 29.07 -22.25
CA GLU A 318 23.14 28.94 -23.67
C GLU A 318 22.99 27.47 -24.06
N VAL A 319 23.80 26.59 -23.47
CA VAL A 319 23.70 25.17 -23.78
C VAL A 319 22.32 24.65 -23.41
N LEU A 320 21.85 24.98 -22.20
CA LEU A 320 20.52 24.56 -21.78
C LEU A 320 19.44 25.20 -22.65
N LEU A 321 19.60 26.48 -22.97
CA LEU A 321 18.60 27.15 -23.79
C LEU A 321 18.46 26.47 -25.15
N SER A 322 19.57 26.11 -25.77
CA SER A 322 19.52 25.38 -27.03
C SER A 322 18.91 24.00 -26.84
N ALA A 323 19.34 23.29 -25.79
CA ALA A 323 18.83 21.94 -25.56
C ALA A 323 17.33 21.97 -25.26
N MET A 324 16.88 22.91 -24.44
CA MET A 324 15.47 23.01 -24.07
C MET A 324 15.01 24.45 -24.07
N ALA A 335 -2.14 15.23 -25.07
CA ALA A 335 -2.15 13.85 -24.60
C ALA A 335 -3.08 13.70 -23.41
N SER A 336 -4.30 14.22 -23.53
CA SER A 336 -5.29 14.14 -22.48
C SER A 336 -6.00 12.79 -22.52
N LEU A 337 -6.71 12.49 -21.43
CA LEU A 337 -7.43 11.22 -21.35
C LEU A 337 -8.45 11.10 -22.47
N GLY A 338 -9.01 12.23 -22.92
CA GLY A 338 -9.96 12.16 -24.02
C GLY A 338 -9.35 11.60 -25.29
N THR A 339 -8.13 12.03 -25.61
CA THR A 339 -7.46 11.51 -26.80
C THR A 339 -7.19 10.02 -26.68
N LEU A 340 -6.73 9.57 -25.51
CA LEU A 340 -6.46 8.15 -25.32
C LEU A 340 -7.73 7.32 -25.45
N LEU A 341 -8.83 7.79 -24.84
CA LEU A 341 -10.07 7.03 -24.91
C LEU A 341 -10.68 7.06 -26.30
N ARG A 342 -10.50 8.16 -27.03
CA ARG A 342 -11.18 8.31 -28.32
C ARG A 342 -10.59 7.41 -29.39
N THR A 343 -9.28 7.16 -29.34
CA THR A 343 -8.65 6.33 -30.36
C THR A 343 -9.27 4.93 -30.32
N PRO A 344 -9.81 4.43 -31.44
CA PRO A 344 -10.48 3.12 -31.41
C PRO A 344 -9.53 1.93 -31.31
N GLY A 345 -8.27 2.07 -31.73
CA GLY A 345 -7.34 0.97 -31.67
C GLY A 345 -6.78 0.69 -30.29
N LEU A 346 -6.78 1.69 -29.41
CA LEU A 346 -6.24 1.54 -28.07
C LEU A 346 -7.31 1.23 -27.02
N ARG A 347 -8.56 1.05 -27.42
CA ARG A 347 -9.61 0.78 -26.46
C ARG A 347 -9.34 -0.53 -25.72
N LEU A 348 -8.99 -1.59 -26.44
CA LEU A 348 -8.78 -2.88 -25.82
C LEU A 348 -7.55 -2.86 -24.92
N ARG A 349 -6.43 -2.35 -25.44
CA ARG A 349 -5.21 -2.27 -24.63
C ARG A 349 -5.42 -1.40 -23.41
N THR A 350 -6.10 -0.26 -23.59
CA THR A 350 -6.39 0.62 -22.45
C THR A 350 -7.21 -0.10 -21.40
N CYS A 351 -8.30 -0.75 -21.82
CA CYS A 351 -9.17 -1.41 -20.86
C CYS A 351 -8.45 -2.54 -20.13
N ILE A 352 -7.66 -3.33 -20.86
CA ILE A 352 -6.99 -4.47 -20.23
C ILE A 352 -5.92 -3.99 -19.26
N SER A 353 -5.13 -2.98 -19.65
CA SER A 353 -4.13 -2.45 -18.74
C SER A 353 -4.77 -1.85 -17.50
N THR A 354 -5.86 -1.10 -17.68
CA THR A 354 -6.55 -0.53 -16.53
C THR A 354 -7.09 -1.61 -15.63
N LEU A 355 -7.63 -2.69 -16.22
CA LEU A 355 -8.11 -3.80 -15.41
C LEU A 355 -6.98 -4.45 -14.63
N CYS A 356 -5.81 -4.58 -15.23
CA CYS A 356 -4.67 -5.17 -14.52
C CYS A 356 -4.25 -4.28 -13.35
N TRP A 357 -4.18 -2.97 -13.56
CA TRP A 357 -3.87 -2.07 -12.45
C TRP A 357 -4.91 -2.18 -11.34
N PHE A 358 -6.18 -2.19 -11.72
CA PHE A 358 -7.25 -2.31 -10.73
C PHE A 358 -7.16 -3.62 -9.98
N ALA A 359 -6.86 -4.72 -10.68
CA ALA A 359 -6.74 -6.00 -10.02
C ALA A 359 -5.60 -5.99 -9.02
N PHE A 360 -4.45 -5.43 -9.41
CA PHE A 360 -3.36 -5.33 -8.45
C PHE A 360 -3.79 -4.58 -7.21
N GLY A 361 -4.34 -3.37 -7.39
CA GLY A 361 -4.70 -2.57 -6.23
C GLY A 361 -5.72 -3.27 -5.35
N PHE A 362 -6.79 -3.77 -5.97
CA PHE A 362 -7.87 -4.41 -5.23
C PHE A 362 -7.35 -5.60 -4.44
N THR A 363 -6.67 -6.53 -5.11
CA THR A 363 -6.21 -7.74 -4.42
C THR A 363 -5.19 -7.41 -3.35
N PHE A 364 -4.19 -6.59 -3.68
CA PHE A 364 -3.12 -6.33 -2.73
C PHE A 364 -3.63 -5.63 -1.49
N PHE A 365 -4.50 -4.62 -1.65
CA PHE A 365 -4.97 -3.89 -0.48
C PHE A 365 -6.19 -4.53 0.16
N GLY A 366 -6.74 -5.58 -0.42
CA GLY A 366 -7.75 -6.36 0.28
C GLY A 366 -7.13 -7.49 1.07
N LEU A 367 -5.98 -7.97 0.64
CA LEU A 367 -5.31 -9.07 1.34
C LEU A 367 -4.28 -8.57 2.35
N ALA A 368 -3.32 -7.76 1.89
CA ALA A 368 -2.23 -7.33 2.75
C ALA A 368 -2.72 -6.50 3.93
N LEU A 369 -3.89 -5.87 3.83
CA LEU A 369 -4.42 -5.07 4.93
C LEU A 369 -5.16 -5.89 5.96
N ASP A 370 -5.42 -7.17 5.68
CA ASP A 370 -6.01 -8.10 6.66
C ASP A 370 -5.21 -9.39 6.58
N LEU A 371 -4.12 -9.47 7.35
CA LEU A 371 -3.29 -10.66 7.38
C LEU A 371 -3.69 -11.64 8.47
N GLN A 372 -4.60 -11.26 9.36
CA GLN A 372 -5.09 -12.21 10.36
C GLN A 372 -5.95 -13.28 9.72
N ALA A 373 -6.68 -12.95 8.66
CA ALA A 373 -7.48 -13.93 7.94
C ALA A 373 -6.63 -14.86 7.09
N LEU A 374 -5.48 -14.37 6.61
CA LEU A 374 -4.62 -15.18 5.76
C LEU A 374 -3.83 -16.22 6.55
N GLY A 375 -3.48 -15.92 7.79
CA GLY A 375 -2.67 -16.82 8.57
C GLY A 375 -2.85 -16.60 10.06
N SER A 376 -1.98 -17.23 10.84
CA SER A 376 -2.06 -17.18 12.29
C SER A 376 -1.09 -16.15 12.90
N ASN A 377 0.19 -16.27 12.62
CA ASN A 377 1.20 -15.35 13.17
C ASN A 377 1.30 -14.15 12.24
N ILE A 378 0.77 -13.02 12.69
CA ILE A 378 0.68 -11.84 11.83
C ILE A 378 2.06 -11.25 11.56
N PHE A 379 2.93 -11.24 12.56
CA PHE A 379 4.28 -10.70 12.36
C PHE A 379 5.05 -11.52 11.33
N LEU A 380 4.99 -12.85 11.45
CA LEU A 380 5.67 -13.69 10.48
C LEU A 380 5.11 -13.51 9.09
N LEU A 381 3.79 -13.39 8.97
CA LEU A 381 3.19 -13.15 7.66
C LEU A 381 3.66 -11.82 7.08
N GLN A 382 3.71 -10.78 7.91
CA GLN A 382 4.17 -9.47 7.42
C GLN A 382 5.60 -9.56 6.93
N VAL A 383 6.48 -10.25 7.68
CA VAL A 383 7.85 -10.42 7.22
C VAL A 383 7.87 -11.18 5.90
N LEU A 384 7.11 -12.28 5.83
CA LEU A 384 7.15 -13.13 4.65
C LEU A 384 6.65 -12.42 3.40
N ILE A 385 5.74 -11.45 3.56
CA ILE A 385 5.26 -10.72 2.38
C ILE A 385 6.45 -10.07 1.67
N GLY A 386 7.28 -9.35 2.41
CA GLY A 386 8.46 -8.75 1.81
C GLY A 386 9.49 -9.78 1.40
N VAL A 387 9.72 -10.79 2.24
CA VAL A 387 10.74 -11.78 1.94
C VAL A 387 10.43 -12.55 0.66
N VAL A 388 9.16 -12.63 0.30
CA VAL A 388 8.78 -13.27 -0.96
C VAL A 388 8.64 -12.27 -2.09
N ASP A 389 8.29 -11.02 -1.78
CA ASP A 389 8.22 -9.99 -2.82
C ASP A 389 9.60 -9.75 -3.42
N ILE A 390 10.65 -9.76 -2.60
CA ILE A 390 11.99 -9.54 -3.12
C ILE A 390 12.28 -10.55 -4.22
N PRO A 391 12.35 -11.85 -3.92
CA PRO A 391 12.57 -12.82 -5.01
C PRO A 391 11.48 -12.79 -6.07
N ALA A 392 10.23 -12.55 -5.67
CA ALA A 392 9.15 -12.53 -6.66
C ALA A 392 9.34 -11.39 -7.65
N LYS A 393 9.67 -10.19 -7.16
CA LYS A 393 9.86 -9.05 -8.06
C LYS A 393 11.12 -9.21 -8.90
N MET A 394 12.19 -9.74 -8.31
CA MET A 394 13.39 -9.99 -9.09
C MET A 394 13.14 -11.00 -10.19
N GLY A 395 12.41 -12.08 -9.87
CA GLY A 395 12.09 -13.06 -10.89
C GLY A 395 11.14 -12.53 -11.95
N ALA A 396 10.21 -11.66 -11.56
CA ALA A 396 9.34 -11.02 -12.53
C ALA A 396 10.14 -10.19 -13.50
N LEU A 397 11.09 -9.40 -12.97
CA LEU A 397 11.94 -8.60 -13.85
C LEU A 397 12.78 -9.49 -14.75
N LEU A 398 13.22 -10.64 -14.24
CA LEU A 398 14.00 -11.56 -15.05
C LEU A 398 13.17 -12.13 -16.18
N LEU A 399 11.98 -12.67 -15.86
CA LEU A 399 11.14 -13.28 -16.88
C LEU A 399 10.53 -12.26 -17.82
N LEU A 400 10.54 -10.98 -17.45
CA LEU A 400 10.03 -9.93 -18.33
C LEU A 400 10.88 -9.78 -19.58
N SER A 401 12.09 -10.34 -19.61
CA SER A 401 12.99 -10.19 -20.74
C SER A 401 13.16 -11.46 -21.56
N ARG A 402 13.16 -12.64 -20.93
CA ARG A 402 13.38 -13.89 -21.64
C ARG A 402 12.08 -14.64 -21.92
N LEU A 403 11.21 -14.77 -20.92
CA LEU A 403 9.93 -15.45 -21.13
C LEU A 403 8.97 -14.60 -21.96
N GLY A 404 9.12 -13.28 -21.92
CA GLY A 404 8.24 -12.35 -22.58
C GLY A 404 7.76 -11.30 -21.61
N ARG A 405 6.75 -10.54 -22.05
CA ARG A 405 6.15 -9.51 -21.22
C ARG A 405 4.69 -9.79 -20.92
N ARG A 406 3.88 -10.05 -21.95
CA ARG A 406 2.52 -10.51 -21.73
C ARG A 406 2.46 -11.84 -21.00
N PRO A 407 3.20 -12.88 -21.41
CA PRO A 407 3.13 -14.15 -20.66
C PRO A 407 3.53 -14.00 -19.21
N THR A 408 4.55 -13.20 -18.91
CA THR A 408 4.96 -13.04 -17.52
C THR A 408 3.87 -12.39 -16.68
N LEU A 409 3.25 -11.33 -17.20
CA LEU A 409 2.19 -10.66 -16.46
C LEU A 409 0.99 -11.59 -16.26
N ALA A 410 0.59 -12.29 -17.33
CA ALA A 410 -0.55 -13.20 -17.22
C ALA A 410 -0.27 -14.31 -16.22
N ALA A 411 0.93 -14.90 -16.29
CA ALA A 411 1.28 -15.97 -15.36
C ALA A 411 1.32 -15.46 -13.93
N SER A 412 1.86 -14.26 -13.73
CA SER A 412 1.92 -13.70 -12.37
C SER A 412 0.52 -13.50 -11.80
N LEU A 413 -0.37 -12.88 -12.58
CA LEU A 413 -1.72 -12.65 -12.08
C LEU A 413 -2.45 -13.96 -11.85
N LEU A 414 -2.34 -14.92 -12.78
CA LEU A 414 -3.03 -16.19 -12.61
C LEU A 414 -2.50 -16.94 -11.39
N LEU A 415 -1.19 -16.94 -11.18
CA LEU A 415 -0.63 -17.63 -10.03
C LEU A 415 -1.08 -16.97 -8.73
N ALA A 416 -1.09 -15.63 -8.67
CA ALA A 416 -1.55 -14.96 -7.46
C ALA A 416 -3.00 -15.31 -7.17
N GLY A 417 -3.87 -15.20 -8.18
CA GLY A 417 -5.28 -15.49 -7.97
C GLY A 417 -5.54 -16.93 -7.59
N LEU A 418 -4.85 -17.86 -8.25
CA LEU A 418 -5.05 -19.28 -7.95
C LEU A 418 -4.51 -19.63 -6.57
N CYS A 419 -3.41 -19.00 -6.16
CA CYS A 419 -2.92 -19.21 -4.80
C CYS A 419 -3.91 -18.70 -3.77
N ILE A 420 -4.54 -17.54 -4.03
CA ILE A 420 -5.55 -17.04 -3.11
C ILE A 420 -6.74 -18.00 -3.04
N LEU A 421 -7.20 -18.47 -4.21
CA LEU A 421 -8.32 -19.40 -4.22
C LEU A 421 -7.98 -20.70 -3.49
N ALA A 422 -6.78 -21.22 -3.69
CA ALA A 422 -6.36 -22.42 -2.98
C ALA A 422 -6.28 -22.17 -1.48
N ASN A 423 -5.78 -21.00 -1.09
CA ASN A 423 -5.71 -20.67 0.34
C ASN A 423 -7.10 -20.68 0.97
N THR A 424 -8.08 -20.11 0.28
CA THR A 424 -9.45 -20.17 0.81
C THR A 424 -10.08 -21.54 0.64
N LEU A 425 -9.49 -22.42 -0.16
CA LEU A 425 -10.06 -23.76 -0.36
C LEU A 425 -9.52 -24.79 0.62
N VAL A 426 -8.26 -24.69 1.03
CA VAL A 426 -7.62 -25.71 1.87
C VAL A 426 -8.23 -25.68 3.26
N PRO A 427 -8.08 -26.74 4.06
CA PRO A 427 -8.66 -26.73 5.41
C PRO A 427 -8.07 -25.63 6.27
N HIS A 428 -8.89 -25.10 7.16
CA HIS A 428 -8.44 -24.07 8.09
C HIS A 428 -7.41 -24.62 9.07
N GLU A 429 -7.53 -25.91 9.42
CA GLU A 429 -6.59 -26.50 10.38
C GLU A 429 -5.17 -26.50 9.84
N MET A 430 -5.01 -26.75 8.54
CA MET A 430 -3.69 -26.80 7.90
C MET A 430 -3.17 -25.37 7.76
N GLY A 431 -2.90 -24.76 8.92
CA GLY A 431 -2.55 -23.35 8.95
C GLY A 431 -1.28 -23.00 8.21
N ALA A 432 -0.25 -23.86 8.32
CA ALA A 432 1.01 -23.57 7.64
C ALA A 432 0.81 -23.49 6.13
N LEU A 433 0.04 -24.41 5.57
CA LEU A 433 -0.22 -24.39 4.13
C LEU A 433 -0.97 -23.12 3.73
N ARG A 434 -1.96 -22.72 4.52
CA ARG A 434 -2.71 -21.51 4.21
C ARG A 434 -1.79 -20.28 4.25
N SER A 435 -0.94 -20.19 5.27
CA SER A 435 -0.02 -19.06 5.37
C SER A 435 0.93 -19.03 4.19
N ALA A 436 1.49 -20.19 3.82
CA ALA A 436 2.41 -20.24 2.70
C ALA A 436 1.71 -19.85 1.40
N LEU A 437 0.49 -20.32 1.20
CA LEU A 437 -0.23 -20.00 -0.03
C LEU A 437 -0.60 -18.53 -0.09
N ALA A 438 -0.97 -17.93 1.05
CA ALA A 438 -1.25 -16.50 1.07
C ALA A 438 0.01 -15.69 0.79
N VAL A 439 1.14 -16.12 1.35
CA VAL A 439 2.40 -15.43 1.08
C VAL A 439 2.74 -15.52 -0.41
N LEU A 440 2.55 -16.70 -1.00
CA LEU A 440 2.80 -16.87 -2.43
C LEU A 440 1.86 -16.00 -3.26
N GLY A 441 0.60 -15.88 -2.84
CA GLY A 441 -0.34 -15.04 -3.56
C GLY A 441 0.05 -13.57 -3.52
N LEU A 442 0.47 -13.09 -2.34
CA LEU A 442 0.92 -11.70 -2.26
C LEU A 442 2.20 -11.48 -3.06
N GLY A 443 3.12 -12.45 -3.04
CA GLY A 443 4.29 -12.36 -3.90
C GLY A 443 3.91 -12.30 -5.36
N GLY A 444 2.93 -13.10 -5.77
CA GLY A 444 2.50 -13.09 -7.15
C GLY A 444 1.85 -11.78 -7.55
N VAL A 445 1.05 -11.19 -6.66
CA VAL A 445 0.43 -9.91 -7.00
C VAL A 445 1.47 -8.80 -7.05
N GLY A 446 2.49 -8.85 -6.18
CA GLY A 446 3.58 -7.89 -6.29
C GLY A 446 4.35 -8.05 -7.60
N ALA A 447 4.63 -9.29 -7.99
CA ALA A 447 5.28 -9.53 -9.27
C ALA A 447 4.42 -9.02 -10.42
N ALA A 448 3.11 -9.21 -10.33
CA ALA A 448 2.21 -8.70 -11.35
C ALA A 448 2.25 -7.18 -11.41
N PHE A 449 2.36 -6.53 -10.25
CA PHE A 449 2.50 -5.08 -10.24
C PHE A 449 3.78 -4.66 -10.95
N THR A 450 4.89 -5.35 -10.68
CA THR A 450 6.12 -5.03 -11.38
C THR A 450 5.94 -5.19 -12.89
N CYS A 451 5.32 -6.30 -13.30
CA CYS A 451 5.11 -6.54 -14.73
C CYS A 451 4.26 -5.45 -15.36
N ILE A 452 3.18 -5.06 -14.69
CA ILE A 452 2.28 -4.08 -15.30
C ILE A 452 2.94 -2.71 -15.33
N THR A 453 3.69 -2.35 -14.28
CA THR A 453 4.41 -1.08 -14.30
C THR A 453 5.39 -1.02 -15.46
N ILE A 454 6.12 -2.12 -15.71
CA ILE A 454 7.09 -2.10 -16.80
C ILE A 454 6.45 -2.32 -18.16
N TYR A 455 5.21 -2.82 -18.21
CA TYR A 455 4.56 -3.20 -19.46
C TYR A 455 3.63 -2.12 -20.00
N SER A 456 2.83 -1.48 -19.15
CA SER A 456 1.85 -0.52 -19.62
C SER A 456 2.50 0.67 -20.33
N SER A 457 3.80 0.89 -20.10
CA SER A 457 4.50 1.96 -20.80
C SER A 457 4.59 1.64 -22.30
N GLU A 458 5.03 0.43 -22.65
CA GLU A 458 5.22 0.09 -24.05
C GLU A 458 3.91 -0.07 -24.79
N LEU A 459 2.81 -0.37 -24.09
CA LEU A 459 1.55 -0.63 -24.75
C LEU A 459 1.00 0.59 -25.48
N PHE A 460 1.47 1.79 -25.15
CA PHE A 460 0.93 3.01 -25.72
C PHE A 460 2.05 3.85 -26.33
N PRO A 461 1.74 4.67 -27.32
CA PRO A 461 2.79 5.51 -27.94
C PRO A 461 3.44 6.41 -26.91
N THR A 462 4.54 7.04 -27.34
CA THR A 462 5.28 7.92 -26.44
C THR A 462 4.47 9.13 -26.00
N VAL A 463 3.40 9.46 -26.73
CA VAL A 463 2.60 10.63 -26.39
C VAL A 463 1.49 10.26 -25.41
N LEU A 464 0.85 9.11 -25.58
CA LEU A 464 -0.22 8.66 -24.69
C LEU A 464 0.29 7.82 -23.53
N ARG A 465 1.62 7.63 -23.43
CA ARG A 465 2.16 6.77 -22.39
C ARG A 465 1.89 7.32 -21.00
N MET A 466 2.13 8.62 -20.80
CA MET A 466 1.89 9.22 -19.50
C MET A 466 0.42 9.15 -19.12
N THR A 467 -0.47 9.43 -20.06
CA THR A 467 -1.90 9.36 -19.78
C THR A 467 -2.32 7.96 -19.40
N ALA A 468 -1.83 6.95 -20.13
CA ALA A 468 -2.19 5.57 -19.83
C ALA A 468 -1.67 5.16 -18.45
N VAL A 469 -0.44 5.54 -18.12
CA VAL A 469 0.11 5.21 -16.81
C VAL A 469 -0.70 5.88 -15.70
N GLY A 470 -1.08 7.14 -15.92
CA GLY A 470 -1.89 7.82 -14.92
C GLY A 470 -3.26 7.19 -14.73
N LEU A 471 -3.90 6.82 -15.84
CA LEU A 471 -5.19 6.13 -15.75
C LEU A 471 -5.04 4.81 -15.02
N GLY A 472 -3.98 4.06 -15.30
CA GLY A 472 -3.76 2.81 -14.59
C GLY A 472 -3.55 3.02 -13.11
N GLN A 473 -2.79 4.05 -12.74
CA GLN A 473 -2.57 4.32 -11.32
C GLN A 473 -3.86 4.72 -10.62
N MET A 474 -4.69 5.54 -11.27
CA MET A 474 -5.97 5.90 -10.68
C MET A 474 -6.86 4.68 -10.53
N ALA A 475 -6.86 3.79 -11.51
CA ALA A 475 -7.64 2.56 -11.40
C ALA A 475 -7.13 1.70 -10.26
N ALA A 476 -5.80 1.62 -10.09
CA ALA A 476 -5.24 0.85 -8.99
C ALA A 476 -5.67 1.43 -7.64
N ARG A 477 -5.68 2.76 -7.53
CA ARG A 477 -6.10 3.39 -6.28
C ARG A 477 -7.59 3.16 -6.01
N GLY A 478 -8.43 3.24 -7.05
CA GLY A 478 -9.83 2.91 -6.86
C GLY A 478 -10.04 1.46 -6.43
N GLY A 479 -9.31 0.54 -7.04
CA GLY A 479 -9.37 -0.84 -6.61
C GLY A 479 -8.93 -1.01 -5.18
N ALA A 480 -7.89 -0.28 -4.78
CA ALA A 480 -7.45 -0.32 -3.39
C ALA A 480 -8.57 0.14 -2.46
N ILE A 481 -9.26 1.22 -2.83
CA ILE A 481 -10.40 1.67 -2.04
C ILE A 481 -11.42 0.55 -1.89
N LEU A 482 -11.75 -0.10 -3.00
CA LEU A 482 -12.75 -1.17 -2.95
C LEU A 482 -12.26 -2.39 -2.18
N GLY A 483 -10.95 -2.58 -2.05
CA GLY A 483 -10.39 -3.74 -1.41
C GLY A 483 -10.95 -4.01 -0.03
N PRO A 484 -10.69 -3.12 0.92
CA PRO A 484 -11.19 -3.35 2.28
C PRO A 484 -12.70 -3.44 2.37
N LEU A 485 -13.42 -2.79 1.46
CA LEU A 485 -14.88 -2.79 1.54
C LEU A 485 -15.46 -4.19 1.38
N VAL A 486 -14.91 -4.98 0.46
CA VAL A 486 -15.47 -6.32 0.22
C VAL A 486 -15.24 -7.26 1.39
N ARG A 487 -14.39 -6.89 2.35
CA ARG A 487 -14.29 -7.68 3.57
C ARG A 487 -15.58 -7.68 4.37
N LEU A 488 -16.45 -6.68 4.15
CA LEU A 488 -17.76 -6.69 4.77
C LEU A 488 -18.58 -7.90 4.36
N LEU A 489 -18.25 -8.52 3.23
CA LEU A 489 -18.89 -9.76 2.83
C LEU A 489 -18.48 -10.94 3.70
N GLY A 490 -17.48 -10.76 4.57
CA GLY A 490 -17.07 -11.85 5.44
C GLY A 490 -18.18 -12.33 6.35
N VAL A 491 -19.16 -11.46 6.63
CA VAL A 491 -20.29 -11.88 7.46
C VAL A 491 -21.04 -13.03 6.78
N HIS A 492 -21.24 -12.93 5.47
CA HIS A 492 -21.83 -14.04 4.74
C HIS A 492 -20.93 -15.27 4.76
N GLY A 493 -19.63 -15.06 4.99
CA GLY A 493 -18.69 -16.14 5.16
C GLY A 493 -17.27 -15.66 4.98
N PRO A 494 -16.35 -16.12 5.84
CA PRO A 494 -14.95 -15.71 5.67
C PRO A 494 -14.35 -16.13 4.34
N TRP A 495 -14.93 -17.14 3.68
CA TRP A 495 -14.41 -17.60 2.41
C TRP A 495 -14.73 -16.65 1.26
N LEU A 496 -15.75 -15.80 1.41
CA LEU A 496 -16.24 -15.00 0.29
C LEU A 496 -15.32 -13.84 -0.04
N PRO A 497 -14.79 -13.11 0.95
CA PRO A 497 -13.79 -12.09 0.62
C PRO A 497 -12.60 -12.64 -0.13
N LEU A 498 -12.10 -13.82 0.28
CA LEU A 498 -10.98 -14.43 -0.41
C LEU A 498 -11.38 -14.93 -1.78
N LEU A 499 -12.62 -15.42 -1.93
CA LEU A 499 -13.09 -15.80 -3.25
C LEU A 499 -13.06 -14.61 -4.19
N VAL A 500 -13.51 -13.45 -3.73
CA VAL A 500 -13.48 -12.24 -4.56
C VAL A 500 -12.03 -11.86 -4.87
N TYR A 501 -11.18 -11.84 -3.84
CA TYR A 501 -9.78 -11.46 -4.03
C TYR A 501 -9.04 -12.42 -4.94
N GLY A 502 -9.52 -13.65 -5.08
CA GLY A 502 -8.89 -14.60 -5.98
C GLY A 502 -9.46 -14.52 -7.38
N THR A 503 -10.76 -14.32 -7.49
CA THR A 503 -11.40 -14.29 -8.80
C THR A 503 -11.19 -12.97 -9.53
N VAL A 504 -10.77 -11.91 -8.84
CA VAL A 504 -10.46 -10.67 -9.53
C VAL A 504 -9.12 -10.81 -10.26
N PRO A 505 -8.01 -11.10 -9.57
CA PRO A 505 -6.73 -11.21 -10.27
C PRO A 505 -6.69 -12.33 -11.29
N VAL A 506 -7.39 -13.44 -11.05
CA VAL A 506 -7.44 -14.51 -12.06
C VAL A 506 -8.06 -13.99 -13.35
N LEU A 507 -9.20 -13.29 -13.22
CA LEU A 507 -9.85 -12.75 -14.42
C LEU A 507 -8.98 -11.70 -15.09
N SER A 508 -8.33 -10.84 -14.31
CA SER A 508 -7.46 -9.83 -14.90
C SER A 508 -6.30 -10.48 -15.66
N GLY A 509 -5.72 -11.52 -15.09
CA GLY A 509 -4.65 -12.23 -15.78
C GLY A 509 -5.14 -12.94 -17.02
N LEU A 510 -6.34 -13.52 -16.97
CA LEU A 510 -6.91 -14.13 -18.17
C LEU A 510 -7.10 -13.09 -19.26
N ALA A 511 -7.61 -11.91 -18.92
CA ALA A 511 -7.77 -10.85 -19.90
C ALA A 511 -6.44 -10.25 -20.32
N ALA A 512 -5.40 -10.38 -19.50
CA ALA A 512 -4.08 -9.87 -19.87
C ALA A 512 -3.44 -10.67 -21.00
N LEU A 513 -3.99 -11.83 -21.36
CA LEU A 513 -3.51 -12.60 -22.49
C LEU A 513 -3.89 -11.98 -23.83
N LEU A 514 -4.76 -10.97 -23.83
CA LEU A 514 -5.22 -10.32 -25.04
C LEU A 514 -4.36 -9.12 -25.44
N LEU A 515 -3.31 -8.81 -24.67
CA LEU A 515 -2.47 -7.68 -24.98
C LEU A 515 -1.62 -7.96 -26.21
N PRO A 516 -1.08 -6.92 -26.84
CA PRO A 516 -0.41 -7.10 -28.14
C PRO A 516 0.83 -7.97 -28.08
N GLU A 517 1.79 -7.62 -27.22
CA GLU A 517 3.07 -8.31 -27.19
C GLU A 517 3.18 -9.23 -25.97
CAA R75 B . 3.42 1.58 -5.35
CAB R75 B . 3.87 2.18 -6.67
CAC R75 B . 2.84 2.57 -7.73
CAD R75 B . 1.35 2.35 -7.45
CAE R75 B . 0.91 1.75 -6.12
CAF R75 B . 1.94 1.36 -5.08
CAJ R75 B . 1.44 0.77 -3.77
CAL R75 B . 2.18 -0.31 -2.98
CAM R75 B . 2.92 -1.41 -3.42
CAO R75 B . 2.93 -1.41 -1.18
CAP R75 B . 2.19 -0.31 -1.62
CAQ R75 B . 3.20 -1.85 -4.85
CAR R75 B . 4.71 -2.01 -5.01
CAS R75 B . 3.12 -1.66 0.36
CAT R75 B . 2.49 -0.71 1.36
CAU R75 B . 1.70 0.45 0.88
CAV R75 B . 1.54 0.68 -0.60
OAG R75 B . 3.26 3.12 -8.95
OAK R75 B . 0.43 1.18 -3.33
OAN R75 B . 3.37 -2.08 -2.30
BR1 R75 B . 0.00 2.84 -8.76
BR2 R75 B . 5.75 2.44 -7.01
#